data_1DW3
#
_entry.id   1DW3
#
_cell.length_a   83.345
_cell.length_b   103.498
_cell.length_c   113.660
_cell.angle_alpha   90.00
_cell.angle_beta   90.00
_cell.angle_gamma   90.00
#
_symmetry.space_group_name_H-M   'I 2 2 2'
#
loop_
_entity.id
_entity.type
_entity.pdbx_description
1 polymer 'CYTOCHROME C'
2 non-polymer 'HEME C'
3 water water
#
_entity_poly.entity_id   1
_entity_poly.type   'polypeptide(L)'
_entity_poly.pdbx_seq_one_letter_code
;GDTSPAQLIAGYEAAAGAPADAERGRALFLSTQTGGKPDTPSCTTCHGADVTRAGQTRTGKEIAPLAPSATPDRFTDSAR
VEKWLGRNCNSVIGRDCTPGEKADLLAWLAAQ
;
_entity_poly.pdbx_strand_id   A,B,C
#
# COMPACT_ATOMS: atom_id res chain seq x y z
N GLY A 1 -17.98 -54.21 -4.34
CA GLY A 1 -19.44 -53.94 -4.61
C GLY A 1 -19.57 -53.42 -6.03
N ASP A 2 -20.42 -52.42 -6.23
CA ASP A 2 -20.50 -51.87 -7.60
C ASP A 2 -19.80 -50.53 -7.64
N THR A 3 -19.25 -50.02 -6.53
CA THR A 3 -18.61 -48.73 -6.65
C THR A 3 -17.49 -48.57 -5.67
N SER A 4 -16.78 -47.45 -5.74
CA SER A 4 -15.80 -47.18 -4.70
C SER A 4 -16.32 -45.95 -3.97
N PRO A 5 -15.83 -45.68 -2.77
CA PRO A 5 -16.15 -44.45 -2.05
C PRO A 5 -15.78 -43.21 -2.87
N ALA A 6 -14.63 -43.21 -3.58
CA ALA A 6 -14.25 -42.07 -4.40
C ALA A 6 -15.20 -41.80 -5.55
N GLN A 7 -15.64 -42.84 -6.25
CA GLN A 7 -16.65 -42.70 -7.27
C GLN A 7 -17.95 -42.12 -6.73
N LEU A 8 -18.43 -42.55 -5.57
CA LEU A 8 -19.62 -41.96 -4.99
C LEU A 8 -19.38 -40.51 -4.67
N ILE A 9 -18.31 -40.18 -3.93
CA ILE A 9 -18.06 -38.78 -3.62
C ILE A 9 -17.93 -37.92 -4.86
N ALA A 10 -17.21 -38.37 -5.88
CA ALA A 10 -17.06 -37.56 -7.11
C ALA A 10 -18.41 -37.33 -7.77
N GLY A 11 -19.33 -38.32 -7.76
CA GLY A 11 -20.64 -38.04 -8.37
C GLY A 11 -21.36 -36.98 -7.52
N TYR A 12 -21.33 -37.03 -6.19
CA TYR A 12 -22.00 -35.99 -5.39
C TYR A 12 -21.35 -34.61 -5.62
N GLU A 13 -20.02 -34.55 -5.69
CA GLU A 13 -19.35 -33.28 -5.92
C GLU A 13 -19.80 -32.67 -7.25
N ALA A 14 -19.90 -33.49 -8.29
CA ALA A 14 -20.38 -32.97 -9.59
C ALA A 14 -21.80 -32.41 -9.48
N ALA A 15 -22.69 -33.09 -8.75
CA ALA A 15 -24.07 -32.63 -8.66
C ALA A 15 -24.05 -31.36 -7.80
N ALA A 16 -23.22 -31.27 -6.79
CA ALA A 16 -23.18 -30.12 -5.92
C ALA A 16 -22.50 -28.95 -6.59
N GLY A 17 -21.59 -29.14 -7.54
CA GLY A 17 -20.86 -28.03 -8.12
C GLY A 17 -19.70 -27.68 -7.22
N ALA A 18 -19.24 -28.51 -6.29
CA ALA A 18 -18.14 -28.14 -5.41
C ALA A 18 -17.49 -29.35 -4.81
N PRO A 19 -16.25 -29.29 -4.42
CA PRO A 19 -15.52 -30.41 -3.82
C PRO A 19 -16.05 -30.67 -2.44
N ALA A 20 -15.92 -31.90 -1.96
CA ALA A 20 -16.35 -32.25 -0.62
C ALA A 20 -15.49 -31.51 0.41
N ASP A 21 -16.05 -31.26 1.57
CA ASP A 21 -15.28 -30.67 2.67
C ASP A 21 -15.56 -31.54 3.90
N ALA A 22 -14.68 -32.43 4.27
CA ALA A 22 -14.80 -33.35 5.37
C ALA A 22 -15.02 -32.60 6.70
N GLU A 23 -14.49 -31.41 6.86
CA GLU A 23 -14.69 -30.70 8.15
C GLU A 23 -16.17 -30.34 8.26
N ARG A 24 -16.81 -29.90 7.19
CA ARG A 24 -18.22 -29.61 7.19
C ARG A 24 -19.05 -30.90 7.40
N GLY A 25 -18.56 -32.04 6.87
CA GLY A 25 -19.19 -33.32 6.99
C GLY A 25 -19.19 -33.77 8.45
N ARG A 26 -18.05 -33.64 9.11
CA ARG A 26 -17.93 -33.89 10.52
C ARG A 26 -18.88 -33.00 11.33
N ALA A 27 -18.98 -31.71 11.07
CA ALA A 27 -19.81 -30.79 11.84
C ALA A 27 -21.28 -31.17 11.64
N LEU A 28 -21.69 -31.50 10.43
CA LEU A 28 -23.09 -31.88 10.22
C LEU A 28 -23.43 -33.22 10.90
N PHE A 29 -22.56 -34.23 10.82
CA PHE A 29 -22.80 -35.50 11.45
C PHE A 29 -22.92 -35.40 12.98
N LEU A 30 -22.07 -34.61 13.65
CA LEU A 30 -22.16 -34.44 15.09
C LEU A 30 -23.25 -33.46 15.54
N SER A 31 -23.84 -32.67 14.66
CA SER A 31 -24.78 -31.64 15.03
C SER A 31 -26.06 -32.19 15.65
N THR A 32 -26.75 -31.32 16.38
CA THR A 32 -28.04 -31.57 16.96
C THR A 32 -29.01 -30.80 16.08
N GLN A 33 -30.02 -31.46 15.52
CA GLN A 33 -30.93 -30.86 14.59
C GLN A 33 -32.29 -30.77 15.23
N THR A 34 -33.13 -29.89 14.70
CA THR A 34 -34.46 -29.77 15.31
C THR A 34 -35.56 -29.98 14.31
N GLY A 35 -35.33 -30.07 13.02
CA GLY A 35 -36.39 -30.15 12.03
C GLY A 35 -36.90 -31.56 11.74
N GLY A 36 -36.26 -32.62 12.24
CA GLY A 36 -36.73 -33.95 11.93
C GLY A 36 -37.56 -34.61 13.02
N LYS A 37 -37.42 -35.92 13.13
CA LYS A 37 -38.17 -36.66 14.14
C LYS A 37 -37.59 -36.41 15.50
N PRO A 38 -38.47 -36.30 16.50
CA PRO A 38 -38.03 -35.98 17.87
C PRO A 38 -37.04 -36.98 18.41
N ASP A 39 -37.21 -38.27 18.09
CA ASP A 39 -36.33 -39.26 18.66
C ASP A 39 -35.00 -39.38 17.94
N THR A 40 -34.72 -38.64 16.84
CA THR A 40 -33.40 -38.74 16.22
C THR A 40 -32.81 -37.38 15.91
N PRO A 41 -32.34 -36.63 16.92
CA PRO A 41 -31.86 -35.30 16.76
C PRO A 41 -30.55 -35.21 16.01
N SER A 42 -29.81 -36.33 16.01
CA SER A 42 -28.49 -36.29 15.35
C SER A 42 -28.13 -37.60 14.68
N CYS A 43 -27.16 -37.56 13.79
CA CYS A 43 -26.64 -38.78 13.18
C CYS A 43 -26.04 -39.63 14.30
N THR A 44 -25.46 -38.98 15.30
CA THR A 44 -24.84 -39.66 16.42
C THR A 44 -25.85 -40.36 17.28
N THR A 45 -27.15 -40.03 17.23
CA THR A 45 -28.11 -40.71 18.10
C THR A 45 -28.01 -42.20 17.89
N CYS A 46 -27.79 -42.69 16.68
CA CYS A 46 -27.64 -44.08 16.41
C CYS A 46 -26.16 -44.43 16.14
N HIS A 47 -25.39 -43.62 15.44
CA HIS A 47 -24.04 -44.09 15.07
C HIS A 47 -23.01 -43.74 16.11
N GLY A 48 -23.33 -42.89 17.12
CA GLY A 48 -22.35 -42.47 18.09
C GLY A 48 -21.44 -41.37 17.49
N ALA A 49 -20.65 -40.79 18.38
CA ALA A 49 -19.75 -39.69 18.04
C ALA A 49 -18.45 -40.23 17.50
N ASP A 50 -18.11 -41.45 17.72
CA ASP A 50 -16.92 -42.11 17.22
C ASP A 50 -17.37 -43.27 16.34
N VAL A 51 -17.28 -43.14 15.02
CA VAL A 51 -17.88 -44.07 14.07
C VAL A 51 -17.06 -45.32 13.87
N THR A 52 -15.95 -45.42 14.61
CA THR A 52 -15.20 -46.70 14.61
C THR A 52 -15.80 -47.59 15.65
N ARG A 53 -16.76 -47.16 16.48
CA ARG A 53 -17.35 -48.10 17.44
C ARG A 53 -18.73 -48.44 16.91
N ALA A 54 -19.32 -49.48 17.51
CA ALA A 54 -20.65 -49.88 17.08
C ALA A 54 -21.70 -48.87 17.48
N GLY A 55 -22.77 -48.74 16.74
CA GLY A 55 -23.83 -47.82 17.15
C GLY A 55 -25.00 -48.65 17.69
N GLN A 56 -26.15 -48.03 17.81
CA GLN A 56 -27.33 -48.67 18.35
C GLN A 56 -28.61 -48.01 17.80
N THR A 57 -29.61 -48.84 17.48
CA THR A 57 -30.88 -48.33 17.02
C THR A 57 -31.62 -47.73 18.20
N ARG A 58 -32.79 -47.21 17.99
CA ARG A 58 -33.67 -46.60 18.98
C ARG A 58 -34.25 -47.65 19.91
N THR A 59 -34.05 -48.91 19.62
CA THR A 59 -34.42 -49.99 20.52
C THR A 59 -33.24 -50.69 21.14
N GLY A 60 -32.01 -50.22 20.84
CA GLY A 60 -30.87 -50.85 21.49
C GLY A 60 -30.26 -51.99 20.73
N LYS A 61 -30.63 -52.22 19.49
CA LYS A 61 -29.92 -53.27 18.71
C LYS A 61 -28.61 -52.67 18.16
N GLU A 62 -27.60 -53.48 18.03
CA GLU A 62 -26.30 -53.09 17.55
C GLU A 62 -26.22 -52.71 16.09
N ILE A 63 -25.50 -51.65 15.70
CA ILE A 63 -25.38 -51.20 14.34
C ILE A 63 -23.89 -51.35 14.09
N ALA A 64 -23.45 -52.04 13.03
CA ALA A 64 -22.02 -52.11 12.74
C ALA A 64 -21.46 -50.69 12.55
N PRO A 65 -20.17 -50.54 12.90
CA PRO A 65 -19.48 -49.29 12.84
C PRO A 65 -19.56 -48.67 11.47
N LEU A 66 -19.74 -47.35 11.35
CA LEU A 66 -19.85 -46.71 10.06
C LEU A 66 -18.47 -46.56 9.43
N ALA A 67 -17.40 -46.52 10.22
CA ALA A 67 -16.08 -46.33 9.65
C ALA A 67 -15.67 -47.50 8.76
N PRO A 68 -15.16 -47.24 7.57
CA PRO A 68 -14.57 -48.27 6.74
C PRO A 68 -13.38 -48.94 7.40
N SER A 69 -12.65 -48.27 8.31
CA SER A 69 -11.54 -48.92 9.00
C SER A 69 -12.09 -50.06 9.85
N ALA A 70 -13.24 -50.03 10.42
CA ALA A 70 -13.80 -51.09 11.25
C ALA A 70 -14.65 -52.02 10.39
N THR A 71 -15.40 -51.52 9.36
CA THR A 71 -16.28 -52.34 8.58
C THR A 71 -15.99 -52.10 7.12
N PRO A 72 -15.16 -52.96 6.56
CA PRO A 72 -14.56 -52.77 5.23
C PRO A 72 -15.44 -52.62 4.03
N ASP A 73 -16.66 -53.12 3.94
CA ASP A 73 -17.42 -52.89 2.71
C ASP A 73 -18.23 -51.59 2.70
N ARG A 74 -18.04 -50.70 3.67
CA ARG A 74 -18.83 -49.48 3.73
C ARG A 74 -18.69 -48.67 2.44
N PHE A 75 -19.79 -48.04 2.00
CA PHE A 75 -19.81 -47.15 0.85
C PHE A 75 -19.32 -47.79 -0.43
N THR A 76 -19.67 -49.03 -0.71
CA THR A 76 -19.22 -49.69 -1.94
C THR A 76 -20.45 -50.16 -2.75
N ASP A 77 -21.64 -49.71 -2.39
CA ASP A 77 -22.85 -50.08 -3.10
C ASP A 77 -23.58 -48.75 -3.25
N SER A 78 -23.76 -48.24 -4.44
CA SER A 78 -24.35 -46.91 -4.61
C SER A 78 -25.79 -46.87 -4.16
N ALA A 79 -26.60 -47.87 -4.47
CA ALA A 79 -27.99 -47.88 -4.07
C ALA A 79 -28.14 -47.88 -2.56
N ARG A 80 -27.33 -48.69 -1.88
CA ARG A 80 -27.40 -48.77 -0.41
C ARG A 80 -27.11 -47.45 0.29
N VAL A 81 -26.15 -46.68 -0.21
CA VAL A 81 -25.86 -45.38 0.37
C VAL A 81 -27.07 -44.46 0.18
N GLU A 82 -27.66 -44.46 -1.02
CA GLU A 82 -28.80 -43.58 -1.28
C GLU A 82 -30.04 -43.96 -0.48
N LYS A 83 -30.22 -45.27 -0.31
CA LYS A 83 -31.34 -45.75 0.50
C LYS A 83 -31.25 -45.28 1.97
N TRP A 84 -30.08 -45.45 2.58
CA TRP A 84 -29.92 -45.03 4.00
C TRP A 84 -29.82 -43.54 4.18
N LEU A 85 -29.18 -42.86 3.19
CA LEU A 85 -29.12 -41.40 3.27
C LEU A 85 -30.49 -40.79 3.10
N GLY A 86 -31.31 -41.37 2.21
CA GLY A 86 -32.67 -40.87 2.03
C GLY A 86 -33.45 -40.99 3.36
N ARG A 87 -33.49 -42.15 3.97
CA ARG A 87 -34.19 -42.35 5.21
C ARG A 87 -33.62 -41.54 6.38
N ASN A 88 -32.31 -41.62 6.60
CA ASN A 88 -31.64 -41.01 7.72
C ASN A 88 -31.52 -39.50 7.68
N CYS A 89 -31.31 -38.89 6.52
CA CYS A 89 -31.38 -37.43 6.44
C CYS A 89 -32.81 -36.96 6.77
N ASN A 90 -33.84 -37.62 6.24
CA ASN A 90 -35.20 -37.21 6.54
C ASN A 90 -35.51 -37.35 8.02
N SER A 91 -35.14 -38.43 8.70
CA SER A 91 -35.38 -38.56 10.10
C SER A 91 -34.62 -37.50 10.95
N VAL A 92 -33.37 -37.23 10.63
CA VAL A 92 -32.62 -36.28 11.43
C VAL A 92 -32.85 -34.80 11.12
N ILE A 93 -32.69 -34.43 9.86
CA ILE A 93 -32.79 -33.07 9.42
C ILE A 93 -34.21 -32.71 9.03
N GLY A 94 -35.03 -33.65 8.60
CA GLY A 94 -36.39 -33.34 8.21
C GLY A 94 -36.50 -33.18 6.70
N ARG A 95 -35.43 -33.39 5.92
CA ARG A 95 -35.49 -33.20 4.48
C ARG A 95 -34.42 -34.09 3.86
N ASP A 96 -34.37 -34.23 2.54
CA ASP A 96 -33.27 -34.97 1.94
C ASP A 96 -31.99 -34.20 2.19
N CYS A 97 -30.86 -34.86 2.21
CA CYS A 97 -29.60 -34.15 2.28
C CYS A 97 -29.34 -33.66 0.86
N THR A 98 -28.71 -32.52 0.68
CA THR A 98 -28.36 -32.06 -0.63
C THR A 98 -27.14 -32.86 -1.10
N PRO A 99 -26.81 -32.77 -2.36
CA PRO A 99 -25.64 -33.46 -2.89
C PRO A 99 -24.36 -32.93 -2.26
N GLY A 100 -24.30 -31.65 -1.89
CA GLY A 100 -23.14 -31.09 -1.22
C GLY A 100 -23.03 -31.67 0.18
N GLU A 101 -24.11 -31.83 0.89
CA GLU A 101 -24.04 -32.44 2.22
C GLU A 101 -23.58 -33.90 2.13
N LYS A 102 -24.07 -34.65 1.14
CA LYS A 102 -23.78 -36.05 0.94
C LYS A 102 -22.29 -36.22 0.62
N ALA A 103 -21.75 -35.36 -0.24
CA ALA A 103 -20.33 -35.38 -0.51
C ALA A 103 -19.57 -35.10 0.77
N ASP A 104 -19.91 -34.04 1.51
CA ASP A 104 -19.15 -33.73 2.72
C ASP A 104 -19.22 -34.84 3.75
N LEU A 105 -20.43 -35.40 3.97
CA LEU A 105 -20.57 -36.44 4.95
C LEU A 105 -19.72 -37.67 4.60
N LEU A 106 -19.81 -38.15 3.36
CA LEU A 106 -19.08 -39.33 2.94
C LEU A 106 -17.58 -39.06 2.86
N ALA A 107 -17.14 -37.86 2.46
CA ALA A 107 -15.72 -37.59 2.55
C ALA A 107 -15.22 -37.72 4.00
N TRP A 108 -15.98 -37.34 5.00
CA TRP A 108 -15.49 -37.45 6.38
C TRP A 108 -15.55 -38.90 6.79
N LEU A 109 -16.70 -39.56 6.51
CA LEU A 109 -16.91 -40.92 6.97
C LEU A 109 -15.96 -41.91 6.30
N ALA A 110 -15.65 -41.67 5.01
CA ALA A 110 -14.78 -42.53 4.25
C ALA A 110 -13.34 -42.56 4.73
N ALA A 111 -12.89 -41.54 5.42
CA ALA A 111 -11.56 -41.48 5.99
C ALA A 111 -11.48 -42.01 7.42
N GLN A 112 -12.50 -42.55 8.05
CA GLN A 112 -12.45 -42.99 9.44
C GLN A 112 -11.99 -44.42 9.57
CA GLY B 1 1.65 46.85 -10.69
C GLY B 1 2.01 47.48 -9.39
N ASP B 2 2.82 48.48 -9.29
CA ASP B 2 3.35 49.31 -8.27
C ASP B 2 4.88 49.25 -8.26
N THR B 3 5.50 48.18 -8.77
CA THR B 3 6.96 48.14 -8.68
C THR B 3 7.56 47.24 -9.75
N SER B 4 8.85 46.99 -9.68
CA SER B 4 9.52 46.16 -10.64
C SER B 4 10.71 45.48 -9.95
N PRO B 5 11.21 44.41 -10.55
CA PRO B 5 12.30 43.65 -9.94
C PRO B 5 13.46 44.53 -9.58
N ALA B 6 13.90 45.39 -10.50
CA ALA B 6 15.01 46.25 -10.19
C ALA B 6 14.78 47.19 -9.03
N GLN B 7 13.61 47.75 -8.81
CA GLN B 7 13.32 48.66 -7.70
C GLN B 7 13.28 47.84 -6.43
N LEU B 8 12.70 46.65 -6.49
CA LEU B 8 12.61 45.87 -5.21
C LEU B 8 13.99 45.47 -4.74
N ILE B 9 14.86 45.06 -5.67
CA ILE B 9 16.22 44.66 -5.34
C ILE B 9 17.00 45.84 -4.75
N ALA B 10 16.91 47.01 -5.36
CA ALA B 10 17.56 48.20 -4.85
C ALA B 10 17.13 48.50 -3.43
N GLY B 11 15.85 48.42 -3.11
CA GLY B 11 15.37 48.70 -1.74
C GLY B 11 15.89 47.66 -0.78
N TYR B 12 15.87 46.37 -1.17
CA TYR B 12 16.42 45.37 -0.25
C TYR B 12 17.92 45.56 -0.04
N GLU B 13 18.66 45.91 -1.09
CA GLU B 13 20.10 46.13 -0.95
C GLU B 13 20.40 47.32 0.00
N ALA B 14 19.58 48.33 -0.03
CA ALA B 14 19.79 49.50 0.80
C ALA B 14 19.54 49.07 2.24
N ALA B 15 18.52 48.24 2.52
CA ALA B 15 18.26 47.79 3.88
C ALA B 15 19.32 46.79 4.31
N ALA B 16 19.91 46.05 3.39
CA ALA B 16 20.90 45.05 3.77
C ALA B 16 22.26 45.66 3.98
N GLY B 17 22.51 46.80 3.33
CA GLY B 17 23.84 47.39 3.41
C GLY B 17 24.86 46.74 2.52
N ALA B 18 24.44 45.98 1.50
CA ALA B 18 25.33 45.32 0.57
C ALA B 18 24.66 44.99 -0.76
N PRO B 19 25.44 44.91 -1.83
CA PRO B 19 24.92 44.57 -3.15
C PRO B 19 24.35 43.14 -3.17
N ALA B 20 23.32 42.93 -3.96
CA ALA B 20 22.75 41.58 -3.96
C ALA B 20 23.79 40.62 -4.56
N ASP B 21 23.77 39.38 -4.06
CA ASP B 21 24.62 38.37 -4.65
C ASP B 21 23.76 37.18 -5.14
N ALA B 22 23.61 37.06 -6.45
CA ALA B 22 22.79 36.05 -7.09
C ALA B 22 23.25 34.65 -6.74
N GLU B 23 24.56 34.41 -6.62
CA GLU B 23 25.06 33.09 -6.28
C GLU B 23 24.61 32.66 -4.89
N ARG B 24 24.57 33.56 -3.89
CA ARG B 24 24.10 33.23 -2.58
C ARG B 24 22.58 33.04 -2.66
N GLY B 25 21.88 33.81 -3.46
CA GLY B 25 20.45 33.64 -3.54
C GLY B 25 20.15 32.26 -4.15
N ARG B 26 20.92 31.85 -5.16
CA ARG B 26 20.71 30.52 -5.71
C ARG B 26 20.93 29.39 -4.70
N ALA B 27 22.00 29.55 -3.91
CA ALA B 27 22.31 28.52 -2.93
C ALA B 27 21.20 28.48 -1.90
N LEU B 28 20.69 29.61 -1.44
CA LEU B 28 19.63 29.59 -0.46
C LEU B 28 18.36 28.93 -1.03
N PHE B 29 17.96 29.34 -2.23
CA PHE B 29 16.76 28.86 -2.86
C PHE B 29 16.76 27.32 -2.99
N LEU B 30 17.87 26.73 -3.39
CA LEU B 30 18.01 25.31 -3.58
C LEU B 30 18.39 24.58 -2.31
N SER B 31 18.73 25.23 -1.23
CA SER B 31 19.17 24.53 -0.03
C SER B 31 18.07 23.72 0.61
N THR B 32 18.45 22.87 1.55
CA THR B 32 17.63 22.06 2.40
C THR B 32 17.75 22.71 3.79
N GLN B 33 16.68 23.13 4.42
CA GLN B 33 16.63 23.78 5.69
C GLN B 33 15.98 22.90 6.75
N THR B 34 16.39 22.95 8.02
CA THR B 34 15.79 22.10 9.04
C THR B 34 14.95 22.92 10.02
N GLY B 35 14.99 24.24 9.94
CA GLY B 35 14.29 25.04 10.92
C GLY B 35 12.83 25.34 10.81
N GLY B 36 12.13 25.02 9.73
CA GLY B 36 10.74 25.44 9.64
C GLY B 36 9.83 24.24 9.67
N LYS B 37 8.73 24.22 8.93
CA LYS B 37 7.86 23.07 8.79
C LYS B 37 8.59 21.86 8.22
N PRO B 38 8.38 20.68 8.80
CA PRO B 38 9.07 19.46 8.41
C PRO B 38 8.67 19.03 7.01
N ASP B 39 7.47 19.36 6.57
CA ASP B 39 7.13 19.01 5.20
C ASP B 39 7.47 20.06 4.14
N THR B 40 8.16 21.16 4.45
CA THR B 40 8.61 22.09 3.43
C THR B 40 10.08 22.42 3.70
N PRO B 41 11.02 21.52 3.40
CA PRO B 41 12.42 21.75 3.69
C PRO B 41 13.15 22.61 2.70
N SER B 42 12.50 23.03 1.60
CA SER B 42 13.25 23.86 0.64
C SER B 42 12.31 24.78 -0.09
N CYS B 43 12.81 25.85 -0.73
CA CYS B 43 11.95 26.64 -1.61
C CYS B 43 11.52 25.81 -2.81
N THR B 44 12.31 24.80 -3.17
CA THR B 44 12.03 23.96 -4.31
C THR B 44 10.88 23.01 -4.06
N THR B 45 10.46 22.79 -2.81
CA THR B 45 9.32 21.97 -2.50
C THR B 45 8.18 22.41 -3.36
N CYS B 46 7.88 23.71 -3.45
CA CYS B 46 6.76 24.11 -4.29
C CYS B 46 7.18 24.73 -5.63
N HIS B 47 8.32 25.30 -5.79
CA HIS B 47 8.66 26.02 -7.00
C HIS B 47 9.50 25.18 -7.94
N GLY B 48 10.04 24.06 -7.47
CA GLY B 48 10.99 23.25 -8.25
C GLY B 48 12.37 23.91 -8.21
N ALA B 49 13.38 23.23 -8.79
CA ALA B 49 14.74 23.73 -8.86
C ALA B 49 14.98 24.49 -10.15
N ASP B 50 14.19 24.30 -11.19
CA ASP B 50 14.22 25.08 -12.40
C ASP B 50 13.00 26.02 -12.34
N VAL B 51 13.21 27.30 -12.09
CA VAL B 51 12.14 28.23 -11.90
C VAL B 51 11.62 28.82 -13.20
N THR B 52 12.07 28.31 -14.35
CA THR B 52 11.42 28.61 -15.62
C THR B 52 10.32 27.62 -15.90
N ARG B 53 10.14 26.58 -15.10
CA ARG B 53 9.04 25.63 -15.18
C ARG B 53 8.01 25.88 -14.09
N ALA B 54 6.80 25.46 -14.22
CA ALA B 54 5.77 25.62 -13.19
C ALA B 54 6.10 24.84 -11.94
N GLY B 55 5.60 25.26 -10.80
CA GLY B 55 5.84 24.49 -9.57
C GLY B 55 4.47 23.94 -9.22
N GLN B 56 4.25 23.57 -7.97
CA GLN B 56 3.00 23.01 -7.55
C GLN B 56 2.79 23.09 -6.05
N THR B 57 1.55 23.23 -5.59
CA THR B 57 1.31 23.23 -4.13
C THR B 57 1.33 21.79 -3.67
N ARG B 58 1.12 21.53 -2.43
CA ARG B 58 1.02 20.23 -1.82
C ARG B 58 -0.06 19.40 -2.45
N THR B 59 -1.15 20.01 -2.88
CA THR B 59 -2.23 19.21 -3.45
C THR B 59 -2.07 19.06 -4.95
N GLY B 60 -1.04 19.63 -5.56
CA GLY B 60 -0.88 19.36 -7.00
C GLY B 60 -1.39 20.54 -7.83
N LYS B 61 -1.88 21.62 -7.21
CA LYS B 61 -2.34 22.70 -8.05
C LYS B 61 -1.07 23.42 -8.55
N GLU B 62 -1.07 23.73 -9.82
CA GLU B 62 -0.05 24.48 -10.48
C GLU B 62 0.27 25.90 -9.96
N ILE B 63 1.58 26.20 -9.96
CA ILE B 63 2.07 27.50 -9.55
C ILE B 63 2.85 28.02 -10.75
N ALA B 64 2.51 29.15 -11.35
CA ALA B 64 3.23 29.61 -12.52
C ALA B 64 4.72 29.76 -12.18
N PRO B 65 5.59 29.68 -13.20
CA PRO B 65 7.02 29.79 -13.04
C PRO B 65 7.45 31.06 -12.32
N LEU B 66 8.50 31.06 -11.52
CA LEU B 66 8.92 32.21 -10.77
C LEU B 66 9.80 33.12 -11.61
N ALA B 67 10.42 32.59 -12.65
CA ALA B 67 11.23 33.44 -13.49
C ALA B 67 10.45 34.44 -14.35
N PRO B 68 10.81 35.70 -14.32
CA PRO B 68 10.20 36.75 -15.09
C PRO B 68 10.32 36.54 -16.59
N SER B 69 11.29 35.79 -17.09
CA SER B 69 11.38 35.46 -18.49
C SER B 69 10.22 34.56 -18.93
N ALA B 70 9.63 33.76 -18.06
CA ALA B 70 8.50 32.92 -18.26
C ALA B 70 7.19 33.60 -17.84
N THR B 71 7.19 34.39 -16.77
CA THR B 71 5.95 35.01 -16.24
C THR B 71 6.27 36.49 -16.01
N PRO B 72 6.01 37.32 -17.01
CA PRO B 72 6.47 38.68 -17.05
C PRO B 72 6.04 39.58 -15.94
N ASP B 73 4.96 39.27 -15.24
CA ASP B 73 4.54 40.16 -14.17
C ASP B 73 5.07 39.74 -12.80
N ARG B 74 6.03 38.80 -12.78
CA ARG B 74 6.60 38.44 -11.48
C ARG B 74 7.28 39.65 -10.83
N PHE B 75 7.22 39.72 -9.51
CA PHE B 75 7.88 40.74 -8.72
C PHE B 75 7.49 42.19 -9.10
N THR B 76 6.19 42.43 -9.34
CA THR B 76 5.71 43.72 -9.72
C THR B 76 4.75 44.30 -8.67
N ASP B 77 4.42 43.60 -7.62
CA ASP B 77 3.51 44.07 -6.60
C ASP B 77 4.28 44.00 -5.31
N SER B 78 4.59 45.12 -4.67
CA SER B 78 5.43 45.12 -3.48
C SER B 78 4.81 44.41 -2.29
N ALA B 79 3.49 44.54 -2.13
CA ALA B 79 2.84 43.89 -0.99
C ALA B 79 2.75 42.40 -1.24
N ARG B 80 2.56 42.00 -2.49
CA ARG B 80 2.47 40.56 -2.77
C ARG B 80 3.77 39.88 -2.49
N VAL B 81 4.88 40.56 -2.85
CA VAL B 81 6.20 40.00 -2.67
C VAL B 81 6.51 39.78 -1.22
N GLU B 82 6.24 40.79 -0.39
CA GLU B 82 6.47 40.73 1.05
C GLU B 82 5.55 39.73 1.74
N LYS B 83 4.31 39.62 1.36
CA LYS B 83 3.40 38.62 1.85
C LYS B 83 4.00 37.20 1.71
N TRP B 84 4.38 36.85 0.46
CA TRP B 84 4.85 35.50 0.12
C TRP B 84 6.21 35.21 0.69
N LEU B 85 7.10 36.24 0.72
CA LEU B 85 8.38 36.03 1.34
C LEU B 85 8.19 35.80 2.83
N GLY B 86 7.24 36.50 3.44
CA GLY B 86 7.07 36.35 4.89
C GLY B 86 6.54 34.93 5.10
N ARG B 87 5.51 34.55 4.38
CA ARG B 87 5.01 33.19 4.59
C ARG B 87 6.04 32.12 4.33
N ASN B 88 6.70 32.27 3.16
CA ASN B 88 7.56 31.20 2.64
C ASN B 88 8.88 31.10 3.35
N CYS B 89 9.45 32.22 3.81
CA CYS B 89 10.69 32.15 4.59
C CYS B 89 10.35 31.47 5.92
N ASN B 90 9.20 31.79 6.52
CA ASN B 90 8.84 31.16 7.81
C ASN B 90 8.61 29.66 7.67
N SER B 91 7.89 29.20 6.65
CA SER B 91 7.71 27.80 6.45
C SER B 91 9.00 27.08 6.20
N VAL B 92 9.88 27.59 5.33
CA VAL B 92 11.08 26.82 5.03
C VAL B 92 12.19 27.04 6.04
N ILE B 93 12.56 28.30 6.29
CA ILE B 93 13.70 28.55 7.16
C ILE B 93 13.28 28.60 8.62
N GLY B 94 12.05 28.95 8.96
CA GLY B 94 11.68 29.00 10.35
C GLY B 94 11.76 30.42 10.91
N ARG B 95 11.97 31.44 10.11
CA ARG B 95 12.03 32.83 10.45
C ARG B 95 11.83 33.67 9.17
N ASP B 96 11.65 34.98 9.36
CA ASP B 96 11.60 35.89 8.26
C ASP B 96 12.95 35.91 7.56
N CYS B 97 12.96 36.10 6.25
CA CYS B 97 14.29 36.24 5.60
C CYS B 97 14.83 37.64 5.95
N THR B 98 16.12 37.78 6.04
CA THR B 98 16.72 39.11 6.23
C THR B 98 16.68 39.86 4.88
N PRO B 99 16.85 41.17 4.91
CA PRO B 99 16.85 42.01 3.72
C PRO B 99 17.93 41.55 2.74
N GLY B 100 19.09 41.14 3.15
CA GLY B 100 20.19 40.63 2.39
C GLY B 100 19.80 39.31 1.69
N GLU B 101 19.11 38.40 2.38
CA GLU B 101 18.59 37.19 1.79
C GLU B 101 17.53 37.56 0.78
N LYS B 102 16.64 38.53 1.08
CA LYS B 102 15.64 38.87 0.06
C LYS B 102 16.33 39.44 -1.18
N ALA B 103 17.31 40.30 -1.02
CA ALA B 103 18.01 40.92 -2.14
C ALA B 103 18.61 39.79 -3.00
N ASP B 104 19.32 38.88 -2.33
CA ASP B 104 20.03 37.80 -2.93
C ASP B 104 19.10 36.86 -3.70
N LEU B 105 17.98 36.46 -3.11
CA LEU B 105 16.97 35.63 -3.72
C LEU B 105 16.41 36.29 -4.93
N LEU B 106 15.93 37.52 -4.83
CA LEU B 106 15.35 38.19 -6.00
C LEU B 106 16.36 38.45 -7.09
N ALA B 107 17.62 38.72 -6.74
CA ALA B 107 18.61 39.00 -7.79
C ALA B 107 18.75 37.74 -8.67
N TRP B 108 18.76 36.58 -8.02
CA TRP B 108 18.88 35.32 -8.69
C TRP B 108 17.63 34.98 -9.50
N LEU B 109 16.47 35.07 -8.89
CA LEU B 109 15.23 34.73 -9.56
C LEU B 109 14.96 35.68 -10.71
N ALA B 110 15.18 36.98 -10.51
CA ALA B 110 14.87 37.97 -11.55
C ALA B 110 15.79 37.87 -12.77
N ALA B 111 16.85 37.10 -12.65
CA ALA B 111 17.73 36.97 -13.82
C ALA B 111 17.46 35.68 -14.58
N GLN B 112 16.56 34.82 -14.13
CA GLN B 112 16.29 33.59 -14.83
C GLN B 112 15.17 33.98 -15.81
N GLY C 1 17.39 -6.18 -15.15
CA GLY C 1 16.18 -5.33 -15.33
C GLY C 1 16.42 -4.49 -16.56
N ASP C 2 15.66 -3.45 -16.85
CA ASP C 2 15.97 -2.66 -18.03
C ASP C 2 16.73 -1.40 -17.71
N THR C 3 17.07 -1.11 -16.45
CA THR C 3 17.66 0.20 -16.17
C THR C 3 18.57 0.10 -14.99
N SER C 4 18.93 1.24 -14.40
CA SER C 4 19.82 1.28 -13.25
C SER C 4 19.40 2.54 -12.51
N PRO C 5 19.86 2.66 -11.27
CA PRO C 5 19.60 3.87 -10.51
C PRO C 5 20.09 5.11 -11.24
N ALA C 6 21.28 5.11 -11.81
CA ALA C 6 21.82 6.25 -12.54
C ALA C 6 21.02 6.62 -13.75
N GLN C 7 20.63 5.61 -14.55
CA GLN C 7 19.80 5.90 -15.72
C GLN C 7 18.48 6.52 -15.35
N LEU C 8 17.82 5.99 -14.31
CA LEU C 8 16.56 6.54 -13.84
C LEU C 8 16.71 7.97 -13.33
N ILE C 9 17.76 8.17 -12.50
CA ILE C 9 17.96 9.53 -11.99
C ILE C 9 18.22 10.50 -13.15
N ALA C 10 19.08 10.13 -14.11
CA ALA C 10 19.36 11.05 -15.22
C ALA C 10 18.10 11.38 -16.01
N GLY C 11 17.21 10.41 -16.21
CA GLY C 11 15.96 10.69 -16.92
C GLY C 11 15.05 11.64 -16.13
N TYR C 12 14.97 11.53 -14.82
CA TYR C 12 14.13 12.38 -13.99
C TYR C 12 14.74 13.76 -13.99
N GLU C 13 16.07 13.89 -13.90
CA GLU C 13 16.74 15.17 -13.96
C GLU C 13 16.44 15.90 -15.26
N ALA C 14 16.48 15.18 -16.37
CA ALA C 14 16.15 15.79 -17.67
C ALA C 14 14.73 16.35 -17.65
N ALA C 15 13.75 15.61 -17.11
CA ALA C 15 12.38 16.16 -17.15
C ALA C 15 12.27 17.33 -16.18
N ALA C 16 13.06 17.34 -15.10
CA ALA C 16 13.01 18.34 -14.07
C ALA C 16 13.74 19.59 -14.47
N GLY C 17 14.73 19.47 -15.37
CA GLY C 17 15.55 20.63 -15.74
C GLY C 17 16.61 20.95 -14.72
N ALA C 18 16.96 20.01 -13.80
CA ALA C 18 17.95 20.33 -12.77
C ALA C 18 18.57 19.04 -12.26
N PRO C 19 19.77 19.03 -11.78
CA PRO C 19 20.39 17.85 -11.21
C PRO C 19 19.80 17.45 -9.85
N ALA C 20 19.93 16.19 -9.51
CA ALA C 20 19.42 15.64 -8.26
C ALA C 20 20.27 16.17 -7.10
N ASP C 21 19.70 16.33 -5.95
CA ASP C 21 20.32 16.74 -4.72
C ASP C 21 19.93 15.69 -3.68
N ALA C 22 20.85 14.79 -3.33
CA ALA C 22 20.58 13.77 -2.32
C ALA C 22 20.20 14.32 -0.94
N GLU C 23 20.68 15.49 -0.57
CA GLU C 23 20.40 16.12 0.72
C GLU C 23 18.90 16.44 0.77
N ARG C 24 18.37 16.99 -0.32
CA ARG C 24 16.96 17.27 -0.41
C ARG C 24 16.18 15.92 -0.40
N GLY C 25 16.68 14.89 -1.08
CA GLY C 25 15.99 13.64 -1.17
C GLY C 25 15.91 13.00 0.23
N ARG C 26 16.96 12.98 0.99
CA ARG C 26 16.95 12.51 2.36
C ARG C 26 15.91 13.30 3.20
N ALA C 27 15.85 14.60 3.07
CA ALA C 27 14.96 15.42 3.88
C ALA C 27 13.51 15.11 3.54
N LEU C 28 13.20 14.94 2.27
CA LEU C 28 11.90 14.52 1.84
C LEU C 28 11.52 13.13 2.33
N PHE C 29 12.41 12.12 2.20
CA PHE C 29 12.11 10.78 2.62
C PHE C 29 11.85 10.71 4.14
N LEU C 30 12.62 11.36 4.98
CA LEU C 30 12.49 11.35 6.40
C LEU C 30 11.40 12.29 6.91
N SER C 31 10.86 13.20 6.10
CA SER C 31 9.89 14.17 6.61
C SER C 31 8.57 13.57 7.03
N THR C 32 7.87 14.34 7.86
CA THR C 32 6.53 14.04 8.31
C THR C 32 5.63 14.91 7.44
N GLN C 33 4.73 14.26 6.68
CA GLN C 33 3.90 15.02 5.77
C GLN C 33 2.48 15.13 6.31
N THR C 34 1.78 16.20 6.03
CA THR C 34 0.43 16.36 6.56
C THR C 34 -0.63 16.30 5.48
N GLY C 35 -0.36 16.11 4.23
CA GLY C 35 -1.32 16.12 3.18
C GLY C 35 -1.73 14.83 2.51
N GLY C 36 -1.26 13.66 2.92
CA GLY C 36 -1.79 12.49 2.17
C GLY C 36 -2.70 11.69 3.10
N LYS C 37 -2.62 10.39 3.06
CA LYS C 37 -3.37 9.53 3.92
C LYS C 37 -2.86 9.67 5.35
N PRO C 38 -3.77 9.65 6.33
CA PRO C 38 -3.42 9.72 7.74
C PRO C 38 -2.56 8.58 8.25
N ASP C 39 -2.68 7.40 7.70
CA ASP C 39 -1.91 6.25 8.15
C ASP C 39 -0.56 6.18 7.47
N THR C 40 -0.24 7.08 6.53
CA THR C 40 1.15 7.05 6.03
C THR C 40 1.74 8.46 6.08
N PRO C 41 2.12 8.97 7.27
CA PRO C 41 2.71 10.27 7.36
C PRO C 41 4.08 10.44 6.70
N SER C 42 4.88 9.39 6.51
CA SER C 42 6.22 9.53 5.96
C SER C 42 6.61 8.34 5.14
N CYS C 43 7.59 8.40 4.27
CA CYS C 43 8.13 7.23 3.57
C CYS C 43 8.59 6.21 4.62
N THR C 44 9.12 6.69 5.72
CA THR C 44 9.67 6.00 6.86
C THR C 44 8.65 5.12 7.52
N THR C 45 7.34 5.39 7.39
CA THR C 45 6.27 4.65 7.97
C THR C 45 6.40 3.19 7.58
N CYS C 46 6.72 2.90 6.33
CA CYS C 46 6.99 1.55 5.89
C CYS C 46 8.46 1.22 5.74
N HIS C 47 9.33 2.16 5.34
CA HIS C 47 10.69 1.75 4.99
C HIS C 47 11.60 1.87 6.19
N GLY C 48 11.15 2.59 7.24
CA GLY C 48 11.97 2.99 8.35
C GLY C 48 12.90 4.15 8.00
N ALA C 49 13.66 4.63 8.99
CA ALA C 49 14.62 5.70 8.85
C ALA C 49 15.99 5.24 8.38
N ASP C 50 16.33 3.99 8.58
CA ASP C 50 17.56 3.40 8.12
C ASP C 50 17.14 2.46 6.99
N VAL C 51 17.42 2.79 5.72
CA VAL C 51 16.93 1.92 4.65
C VAL C 51 17.73 0.67 4.38
N THR C 52 18.83 0.45 5.09
CA THR C 52 19.57 -0.82 5.05
C THR C 52 18.87 -1.86 5.91
N ARG C 53 17.81 -1.55 6.68
CA ARG C 53 17.08 -2.54 7.46
C ARG C 53 15.75 -2.83 6.76
N ALA C 54 15.18 -3.97 7.11
CA ALA C 54 13.89 -4.33 6.49
C ALA C 54 12.80 -3.36 6.96
N GLY C 55 11.78 -3.19 6.16
CA GLY C 55 10.71 -2.28 6.57
C GLY C 55 9.47 -3.15 6.68
N GLN C 56 8.30 -2.55 6.59
CA GLN C 56 7.13 -3.39 6.55
C GLN C 56 5.87 -2.61 6.26
N THR C 57 4.93 -3.35 5.68
CA THR C 57 3.69 -2.74 5.22
C THR C 57 2.85 -2.30 6.42
N ARG C 58 1.73 -1.68 6.13
CA ARG C 58 0.80 -1.28 7.15
C ARG C 58 0.27 -2.46 7.96
N THR C 59 0.23 -3.68 7.44
CA THR C 59 -0.29 -4.80 8.17
C THR C 59 0.83 -5.56 8.84
N GLY C 60 2.09 -5.16 8.70
CA GLY C 60 3.17 -5.81 9.38
C GLY C 60 3.91 -6.78 8.48
N LYS C 61 3.60 -6.90 7.21
CA LYS C 61 4.40 -7.80 6.36
C LYS C 61 5.75 -7.19 6.02
N GLU C 62 6.81 -7.99 6.04
CA GLU C 62 8.18 -7.55 5.82
C GLU C 62 8.42 -7.05 4.40
N ILE C 63 9.16 -5.97 4.24
CA ILE C 63 9.51 -5.39 2.96
C ILE C 63 11.04 -5.48 2.96
N ALA C 64 11.68 -5.93 1.90
CA ALA C 64 13.14 -5.98 1.89
C ALA C 64 13.67 -4.55 1.98
N PRO C 65 14.88 -4.39 2.52
CA PRO C 65 15.51 -3.10 2.61
C PRO C 65 15.47 -2.34 1.29
N LEU C 66 15.31 -1.02 1.32
CA LEU C 66 15.30 -0.25 0.10
C LEU C 66 16.72 0.05 -0.37
N ALA C 67 17.71 -0.03 0.47
CA ALA C 67 19.06 0.27 0.04
C ALA C 67 19.65 -0.75 -0.91
N PRO C 68 20.26 -0.31 -1.99
CA PRO C 68 20.93 -1.20 -2.94
C PRO C 68 22.08 -1.92 -2.31
N SER C 69 22.78 -1.39 -1.28
CA SER C 69 23.84 -2.14 -0.62
C SER C 69 23.26 -3.41 0.01
N ALA C 70 21.99 -3.47 0.38
CA ALA C 70 21.45 -4.63 1.07
C ALA C 70 20.61 -5.44 0.12
N THR C 71 19.94 -4.91 -0.85
CA THR C 71 19.01 -5.59 -1.74
C THR C 71 19.44 -5.22 -3.15
N PRO C 72 20.32 -6.06 -3.70
CA PRO C 72 20.93 -5.80 -4.99
C PRO C 72 20.00 -5.52 -6.10
N ASP C 73 18.78 -5.86 -6.39
CA ASP C 73 18.22 -5.35 -7.66
C ASP C 73 17.36 -4.13 -7.51
N ARG C 74 17.57 -3.33 -6.47
CA ARG C 74 16.72 -2.16 -6.32
C ARG C 74 16.94 -1.22 -7.50
N PHE C 75 15.87 -0.52 -7.86
CA PHE C 75 15.91 0.50 -8.90
C PHE C 75 16.48 0.01 -10.21
N THR C 76 16.14 -1.18 -10.67
CA THR C 76 16.63 -1.74 -11.91
C THR C 76 15.48 -2.07 -12.82
N ASP C 77 14.26 -1.84 -12.42
CA ASP C 77 13.06 -2.08 -13.25
C ASP C 77 12.26 -0.80 -13.33
N SER C 78 12.21 -0.07 -14.43
CA SER C 78 11.54 1.18 -14.54
C SER C 78 10.06 1.11 -14.18
N ALA C 79 9.38 0.07 -14.65
CA ALA C 79 7.95 -0.03 -14.38
C ALA C 79 7.69 -0.17 -12.86
N ARG C 80 8.50 -0.92 -12.15
CA ARG C 80 8.25 -1.14 -10.74
C ARG C 80 8.52 0.15 -10.01
N VAL C 81 9.62 0.87 -10.32
CA VAL C 81 9.88 2.14 -9.66
C VAL C 81 8.72 3.11 -9.91
N GLU C 82 8.20 3.25 -11.10
CA GLU C 82 7.11 4.19 -11.34
C GLU C 82 5.81 3.74 -10.68
N LYS C 83 5.56 2.43 -10.65
CA LYS C 83 4.37 1.91 -10.00
C LYS C 83 4.36 2.34 -8.53
N TRP C 84 5.42 2.04 -7.78
CA TRP C 84 5.48 2.33 -6.37
C TRP C 84 5.63 3.80 -6.01
N LEU C 85 6.32 4.62 -6.75
CA LEU C 85 6.46 6.03 -6.56
C LEU C 85 5.11 6.67 -6.80
N GLY C 86 4.38 6.20 -7.80
CA GLY C 86 3.03 6.68 -8.05
C GLY C 86 2.13 6.42 -6.84
N ARG C 87 2.07 5.20 -6.36
CA ARG C 87 1.27 4.91 -5.19
C ARG C 87 1.82 5.63 -3.95
N ASN C 88 3.10 5.48 -3.62
CA ASN C 88 3.65 5.95 -2.38
C ASN C 88 3.70 7.47 -2.24
N CYS C 89 3.98 8.22 -3.29
CA CYS C 89 4.02 9.66 -3.22
C CYS C 89 2.62 10.20 -2.93
N ASN C 90 1.63 9.69 -3.63
CA ASN C 90 0.24 10.06 -3.40
C ASN C 90 -0.23 9.77 -1.96
N SER C 91 0.03 8.59 -1.40
CA SER C 91 -0.35 8.33 -0.02
C SER C 91 0.37 9.25 0.95
N VAL C 92 1.68 9.43 0.84
CA VAL C 92 2.42 10.22 1.83
C VAL C 92 2.24 11.71 1.65
N ILE C 93 2.50 12.22 0.44
CA ILE C 93 2.51 13.64 0.20
C ILE C 93 1.14 14.15 -0.21
N GLY C 94 0.32 13.34 -0.87
CA GLY C 94 -0.98 13.84 -1.31
C GLY C 94 -0.98 14.08 -2.82
N ARG C 95 0.14 13.95 -3.54
CA ARG C 95 0.18 14.13 -4.98
C ARG C 95 1.30 13.27 -5.56
N ASP C 96 1.41 13.24 -6.89
CA ASP C 96 2.57 12.54 -7.43
C ASP C 96 3.82 13.32 -7.09
N CYS C 97 4.95 12.65 -7.00
CA CYS C 97 6.23 13.26 -6.79
C CYS C 97 6.59 13.89 -8.15
N THR C 98 7.20 15.04 -8.16
CA THR C 98 7.65 15.65 -9.42
C THR C 98 8.92 14.93 -9.87
N PRO C 99 9.32 15.09 -11.12
CA PRO C 99 10.54 14.45 -11.61
C PRO C 99 11.71 14.90 -10.80
N GLY C 100 11.84 16.17 -10.40
CA GLY C 100 12.94 16.58 -9.52
C GLY C 100 12.90 15.91 -8.18
N GLU C 101 11.74 15.66 -7.55
CA GLU C 101 11.68 14.95 -6.26
C GLU C 101 12.06 13.50 -6.47
N LYS C 102 11.59 12.89 -7.58
CA LYS C 102 12.01 11.53 -7.86
C LYS C 102 13.53 11.42 -8.02
N ALA C 103 14.19 12.31 -8.75
CA ALA C 103 15.63 12.30 -8.88
C ALA C 103 16.29 12.46 -7.49
N ASP C 104 15.88 13.46 -6.71
CA ASP C 104 16.47 13.69 -5.39
C ASP C 104 16.36 12.45 -4.48
N LEU C 105 15.14 11.89 -4.48
CA LEU C 105 14.91 10.71 -3.63
C LEU C 105 15.80 9.54 -4.02
N LEU C 106 15.90 9.27 -5.31
CA LEU C 106 16.64 8.11 -5.78
C LEU C 106 18.13 8.42 -5.64
N ALA C 107 18.53 9.68 -5.80
CA ALA C 107 19.96 9.95 -5.60
C ALA C 107 20.35 9.55 -4.18
N TRP C 108 19.51 9.85 -3.20
CA TRP C 108 19.89 9.50 -1.81
C TRP C 108 19.77 8.00 -1.57
N LEU C 109 18.66 7.43 -2.02
CA LEU C 109 18.41 6.02 -1.81
C LEU C 109 19.44 5.11 -2.47
N ALA C 110 19.87 5.39 -3.69
CA ALA C 110 20.84 4.58 -4.43
C ALA C 110 22.20 4.63 -3.80
N ALA C 111 22.58 5.56 -2.97
CA ALA C 111 23.88 5.61 -2.31
C ALA C 111 23.87 4.87 -0.97
N GLN C 112 22.77 4.28 -0.52
CA GLN C 112 22.66 3.67 0.78
C GLN C 112 23.07 2.21 0.70
#